data_1GUN
#
_entry.id   1GUN
#
_cell.length_a   56.810
_cell.length_b   78.380
_cell.length_c   95.240
_cell.angle_alpha   90.00
_cell.angle_beta   90.01
_cell.angle_gamma   90.00
#
_symmetry.space_group_name_H-M   'C 1 2 1'
#
loop_
_entity.id
_entity.type
_entity.pdbx_description
1 polymer 'MOLYBDATE BINDING PROTEIN II'
2 non-polymer 'MOLYBDATE ION'
3 non-polymer 'CALCIUM ION'
4 water water
#
_entity_poly.entity_id   1
_entity_poly.type   'polypeptide(L)'
_entity_poly.pdbx_seq_one_letter_code
;MSISARNQLKGKVVGLKKGVVTAEVVLEIAGGNKITSIISLDSVEELGVKEGAELTAVVKSTDVMILA
;
_entity_poly.pdbx_strand_id   A,B,C,D,E,F
#
loop_
_chem_comp.id
_chem_comp.type
_chem_comp.name
_chem_comp.formula
CA non-polymer 'CALCIUM ION' 'Ca 2'
MOO non-polymer 'MOLYBDATE ION' 'Mo O4 -2'
#
# COMPACT_ATOMS: atom_id res chain seq x y z
N SER A 2 -6.94 20.84 11.50
CA SER A 2 -5.66 20.07 11.57
C SER A 2 -5.92 18.62 11.94
N ILE A 3 -6.78 17.98 11.17
CA ILE A 3 -7.08 16.56 11.41
C ILE A 3 -6.35 15.88 10.26
N SER A 4 -5.95 14.63 10.44
CA SER A 4 -5.17 13.96 9.42
C SER A 4 -5.99 13.72 8.15
N ALA A 5 -7.31 13.65 8.26
CA ALA A 5 -8.11 13.35 7.04
C ALA A 5 -7.83 14.39 5.96
N ARG A 6 -7.31 13.94 4.81
CA ARG A 6 -6.86 14.88 3.79
C ARG A 6 -7.92 15.50 2.87
N ASN A 7 -9.12 14.97 2.89
CA ASN A 7 -10.19 15.50 2.04
C ASN A 7 -11.12 16.39 2.90
N GLN A 8 -11.13 17.71 2.61
CA GLN A 8 -11.95 18.72 3.31
C GLN A 8 -12.61 19.57 2.22
N LEU A 9 -13.93 19.38 2.06
CA LEU A 9 -14.67 20.02 0.96
C LEU A 9 -15.70 21.01 1.50
N LYS A 10 -15.44 22.30 1.30
CA LYS A 10 -16.38 23.31 1.79
C LYS A 10 -17.70 23.32 1.05
N GLY A 11 -18.82 23.47 1.74
CA GLY A 11 -20.07 23.47 1.03
C GLY A 11 -21.25 24.05 1.78
N LYS A 12 -22.43 24.03 1.16
CA LYS A 12 -23.59 24.64 1.79
C LYS A 12 -24.69 23.62 1.93
N VAL A 13 -25.39 23.58 3.07
CA VAL A 13 -26.45 22.59 3.21
C VAL A 13 -27.69 22.81 2.32
N VAL A 14 -27.99 21.85 1.46
CA VAL A 14 -29.18 21.99 0.61
C VAL A 14 -30.24 20.96 0.94
N GLY A 15 -29.91 20.03 1.82
CA GLY A 15 -30.90 19.02 2.19
C GLY A 15 -30.59 18.46 3.55
N LEU A 16 -31.63 18.15 4.35
CA LEU A 16 -31.41 17.62 5.68
C LEU A 16 -32.59 16.72 6.05
N LYS A 17 -32.35 15.41 6.25
CA LYS A 17 -33.39 14.48 6.67
C LYS A 17 -33.04 13.81 8.01
N LYS A 18 -33.92 13.90 9.02
CA LYS A 18 -33.65 13.33 10.36
C LYS A 18 -34.36 12.00 10.56
N GLY A 19 -33.63 11.01 11.08
CA GLY A 19 -34.18 9.67 11.29
C GLY A 19 -34.23 9.45 12.79
N VAL A 20 -34.32 8.21 13.25
CA VAL A 20 -34.29 7.98 14.72
C VAL A 20 -32.92 8.06 15.37
N VAL A 21 -31.94 7.40 14.74
CA VAL A 21 -30.56 7.29 15.20
C VAL A 21 -29.59 8.08 14.30
N THR A 22 -29.85 8.10 13.00
CA THR A 22 -28.98 8.78 12.01
C THR A 22 -29.67 10.00 11.39
N ALA A 23 -28.92 10.71 10.55
CA ALA A 23 -29.44 11.86 9.82
C ALA A 23 -28.69 11.92 8.49
N GLU A 24 -29.36 12.44 7.45
CA GLU A 24 -28.73 12.60 6.14
C GLU A 24 -28.56 14.10 5.81
N VAL A 25 -27.32 14.52 5.53
CA VAL A 25 -27.01 15.90 5.19
C VAL A 25 -26.53 15.93 3.72
N VAL A 26 -27.03 16.87 2.93
CA VAL A 26 -26.61 16.94 1.52
C VAL A 26 -26.01 18.33 1.34
N LEU A 27 -24.77 18.41 0.87
CA LEU A 27 -24.11 19.70 0.64
C LEU A 27 -23.83 19.95 -0.82
N GLU A 28 -23.93 21.19 -1.21
CA GLU A 28 -23.55 21.56 -2.57
C GLU A 28 -22.14 22.12 -2.41
N ILE A 29 -21.16 21.57 -3.13
CA ILE A 29 -19.76 22.01 -3.02
C ILE A 29 -19.33 22.74 -4.29
N ALA A 30 -18.09 23.21 -4.34
CA ALA A 30 -17.60 23.97 -5.48
C ALA A 30 -17.76 23.28 -6.82
N GLY A 31 -18.05 24.06 -7.86
CA GLY A 31 -18.05 23.43 -9.16
C GLY A 31 -19.21 22.57 -9.59
N GLY A 32 -20.33 22.68 -8.90
CA GLY A 32 -21.50 21.90 -9.27
C GLY A 32 -21.59 20.49 -8.71
N ASN A 33 -20.64 20.11 -7.86
CA ASN A 33 -20.69 18.76 -7.27
C ASN A 33 -21.55 18.74 -5.99
N LYS A 34 -22.05 17.54 -5.65
CA LYS A 34 -22.86 17.35 -4.43
C LYS A 34 -22.29 16.25 -3.53
N ILE A 35 -22.31 16.45 -2.20
CA ILE A 35 -21.79 15.42 -1.30
C ILE A 35 -22.90 14.99 -0.35
N THR A 36 -23.07 13.69 -0.06
CA THR A 36 -24.14 13.25 0.85
C THR A 36 -23.46 12.54 2.02
N SER A 37 -23.85 12.92 3.22
CA SER A 37 -23.31 12.34 4.46
C SER A 37 -24.39 11.77 5.37
N ILE A 38 -24.11 10.64 6.03
CA ILE A 38 -25.01 10.06 7.01
C ILE A 38 -24.22 10.01 8.32
N ILE A 39 -24.68 10.77 9.31
CA ILE A 39 -24.00 10.83 10.60
C ILE A 39 -25.01 10.62 11.72
N SER A 40 -24.57 10.73 12.97
CA SER A 40 -25.56 10.57 14.06
C SER A 40 -26.46 11.76 14.15
N LEU A 41 -27.73 11.47 14.48
CA LEU A 41 -28.72 12.50 14.69
C LEU A 41 -28.19 13.42 15.79
N ASP A 42 -27.53 12.87 16.80
CA ASP A 42 -27.07 13.79 17.85
C ASP A 42 -26.08 14.86 17.43
N SER A 43 -25.18 14.48 16.52
CA SER A 43 -24.21 15.44 16.01
C SER A 43 -24.85 16.57 15.23
N VAL A 44 -25.90 16.25 14.48
CA VAL A 44 -26.57 17.26 13.69
C VAL A 44 -27.15 18.31 14.62
N GLU A 45 -27.86 17.78 15.60
CA GLU A 45 -28.49 18.61 16.62
C GLU A 45 -27.37 19.40 17.33
N GLU A 46 -26.31 18.72 17.76
CA GLU A 46 -25.23 19.44 18.43
C GLU A 46 -24.48 20.49 17.60
N LEU A 47 -24.22 20.25 16.32
CA LEU A 47 -23.48 21.22 15.50
C LEU A 47 -24.44 22.26 14.92
N GLY A 48 -25.73 22.11 15.24
CA GLY A 48 -26.76 23.02 14.75
C GLY A 48 -26.83 23.10 13.24
N VAL A 49 -26.85 21.95 12.58
CA VAL A 49 -26.94 21.87 11.11
C VAL A 49 -28.36 22.17 10.68
N LYS A 50 -28.50 22.96 9.62
CA LYS A 50 -29.80 23.34 9.07
C LYS A 50 -29.54 23.81 7.65
N GLU A 51 -30.61 23.83 6.86
CA GLU A 51 -30.59 24.28 5.49
C GLU A 51 -29.92 25.66 5.45
N GLY A 52 -28.98 25.83 4.52
CA GLY A 52 -28.28 27.09 4.37
C GLY A 52 -26.96 27.23 5.10
N ALA A 53 -26.70 26.39 6.10
CA ALA A 53 -25.45 26.48 6.82
C ALA A 53 -24.23 26.21 5.94
N GLU A 54 -23.12 26.89 6.26
CA GLU A 54 -21.85 26.65 5.54
C GLU A 54 -20.99 25.76 6.40
N LEU A 55 -20.70 24.56 5.89
CA LEU A 55 -19.97 23.56 6.65
C LEU A 55 -18.94 22.87 5.74
N THR A 56 -18.17 21.95 6.31
CA THR A 56 -17.13 21.25 5.57
C THR A 56 -17.31 19.71 5.63
N ALA A 57 -17.21 19.03 4.49
CA ALA A 57 -17.33 17.56 4.49
C ALA A 57 -15.90 17.06 4.60
N VAL A 58 -15.66 16.08 5.44
CA VAL A 58 -14.34 15.53 5.70
C VAL A 58 -14.30 14.01 5.45
N VAL A 59 -13.33 13.55 4.66
CA VAL A 59 -13.25 12.11 4.36
C VAL A 59 -11.80 11.54 4.47
N LYS A 60 -11.61 10.43 5.22
CA LYS A 60 -10.27 9.80 5.37
CA LYS A 60 -10.29 9.80 5.36
C LYS A 60 -9.81 9.25 4.02
N SER A 61 -8.52 9.39 3.68
CA SER A 61 -8.10 8.89 2.36
C SER A 61 -8.34 7.40 2.12
N THR A 62 -8.24 6.61 3.19
CA THR A 62 -8.47 5.17 3.11
C THR A 62 -9.91 4.75 2.79
N ASP A 63 -10.81 5.72 2.86
CA ASP A 63 -12.21 5.47 2.51
C ASP A 63 -12.62 5.90 1.09
N VAL A 64 -11.68 6.42 0.30
CA VAL A 64 -11.97 6.86 -1.06
C VAL A 64 -11.58 5.77 -2.07
N MET A 65 -12.57 5.29 -2.80
CA MET A 65 -12.33 4.27 -3.83
C MET A 65 -12.11 4.89 -5.21
N ILE A 66 -11.46 4.18 -6.15
CA ILE A 66 -11.27 4.72 -7.50
C ILE A 66 -12.03 3.88 -8.53
N LEU A 67 -12.75 4.53 -9.42
CA LEU A 67 -13.55 3.84 -10.43
C LEU A 67 -13.05 4.29 -11.79
N ALA A 68 -12.86 3.31 -12.69
CA ALA A 68 -12.41 3.60 -14.04
C ALA A 68 -13.54 3.43 -15.06
N SER B 2 -15.44 -2.34 -12.56
CA SER B 2 -14.10 -1.70 -12.69
C SER B 2 -13.79 -0.65 -11.62
N ILE B 3 -13.99 -1.05 -10.36
CA ILE B 3 -13.71 -0.21 -9.19
C ILE B 3 -12.62 -0.87 -8.33
N SER B 4 -11.80 -0.06 -7.65
CA SER B 4 -10.75 -0.57 -6.80
C SER B 4 -11.13 -1.55 -5.69
N ALA B 5 -12.36 -1.48 -5.16
CA ALA B 5 -12.76 -2.43 -4.12
C ALA B 5 -12.67 -3.81 -4.77
N ARG B 6 -11.77 -4.60 -4.24
CA ARG B 6 -11.45 -5.92 -4.80
C ARG B 6 -12.35 -7.06 -4.37
N ASN B 7 -13.28 -6.80 -3.46
CA ASN B 7 -14.18 -7.83 -2.99
C ASN B 7 -15.54 -7.61 -3.62
N GLN B 8 -15.94 -8.51 -4.53
CA GLN B 8 -17.25 -8.45 -5.18
C GLN B 8 -17.95 -9.84 -5.06
N LEU B 9 -19.04 -9.93 -4.30
CA LEU B 9 -19.73 -11.22 -4.04
C LEU B 9 -21.17 -11.24 -4.51
N LYS B 10 -21.44 -12.02 -5.56
CA LYS B 10 -22.77 -12.05 -6.16
C LYS B 10 -23.74 -12.75 -5.24
N GLY B 11 -25.00 -12.33 -5.26
CA GLY B 11 -26.01 -12.95 -4.41
C GLY B 11 -27.43 -12.60 -4.74
N LYS B 12 -28.38 -13.14 -3.99
CA LYS B 12 -29.79 -12.88 -4.19
C LYS B 12 -30.36 -12.24 -2.92
N VAL B 13 -31.26 -11.29 -3.08
CA VAL B 13 -31.85 -10.65 -1.90
C VAL B 13 -32.78 -11.59 -1.11
N VAL B 14 -32.49 -11.80 0.18
CA VAL B 14 -33.35 -12.61 1.04
C VAL B 14 -33.94 -11.85 2.24
N GLY B 15 -33.57 -10.57 2.38
CA GLY B 15 -34.09 -9.76 3.46
C GLY B 15 -33.98 -8.27 3.13
N LEU B 16 -34.98 -7.48 3.50
CA LEU B 16 -35.01 -6.04 3.25
C LEU B 16 -35.84 -5.33 4.32
N LYS B 17 -35.24 -4.34 4.96
CA LYS B 17 -35.92 -3.60 6.03
C LYS B 17 -35.62 -2.12 5.83
N LYS B 18 -36.68 -1.32 5.68
CA LYS B 18 -36.51 0.11 5.42
C LYS B 18 -36.68 0.97 6.66
N GLY B 19 -35.70 1.85 6.91
CA GLY B 19 -35.67 2.80 8.01
C GLY B 19 -36.03 4.19 7.52
N VAL B 20 -35.85 5.23 8.32
CA VAL B 20 -36.14 6.57 7.85
C VAL B 20 -35.03 7.12 6.95
N VAL B 21 -33.78 6.91 7.36
CA VAL B 21 -32.59 7.35 6.60
C VAL B 21 -31.80 6.19 5.97
N THR B 22 -31.73 5.07 6.67
CA THR B 22 -30.94 3.92 6.22
C THR B 22 -31.89 2.78 5.90
N ALA B 23 -31.32 1.75 5.28
CA ALA B 23 -32.02 0.51 4.95
C ALA B 23 -31.04 -0.68 5.07
N GLU B 24 -31.59 -1.86 5.39
CA GLU B 24 -30.80 -3.07 5.55
C GLU B 24 -31.14 -4.10 4.47
N VAL B 25 -30.12 -4.56 3.77
CA VAL B 25 -30.27 -5.55 2.71
C VAL B 25 -29.48 -6.78 3.10
N VAL B 26 -30.12 -7.96 3.03
CA VAL B 26 -29.41 -9.22 3.27
C VAL B 26 -29.33 -10.04 1.98
N LEU B 27 -28.12 -10.44 1.58
CA LEU B 27 -27.88 -11.18 0.36
C LEU B 27 -27.45 -12.60 0.66
N GLU B 28 -28.01 -13.55 -0.08
CA GLU B 28 -27.51 -14.91 0.14
C GLU B 28 -26.47 -15.16 -0.93
N ILE B 29 -25.25 -15.53 -0.54
CA ILE B 29 -24.20 -15.77 -1.53
C ILE B 29 -23.79 -17.27 -1.58
N ALA B 30 -22.78 -17.60 -2.38
CA ALA B 30 -22.33 -18.97 -2.56
C ALA B 30 -22.12 -19.66 -1.22
N GLY B 31 -22.89 -20.73 -0.97
CA GLY B 31 -22.79 -21.51 0.26
C GLY B 31 -23.82 -21.14 1.30
N GLY B 32 -24.76 -20.31 0.92
CA GLY B 32 -25.77 -19.96 1.90
C GLY B 32 -25.31 -18.93 2.91
N ASN B 33 -24.03 -18.55 2.85
CA ASN B 33 -23.52 -17.46 3.70
C ASN B 33 -24.46 -16.31 3.50
N LYS B 34 -24.61 -15.46 4.50
CA LYS B 34 -25.47 -14.30 4.33
C LYS B 34 -24.62 -13.02 4.49
N ILE B 35 -24.72 -12.07 3.55
CA ILE B 35 -24.01 -10.79 3.70
C ILE B 35 -25.04 -9.74 4.09
N THR B 36 -24.81 -8.97 5.17
CA THR B 36 -25.73 -7.90 5.55
C THR B 36 -25.10 -6.54 5.23
N SER B 37 -25.85 -5.65 4.57
CA SER B 37 -25.42 -4.33 4.17
C SER B 37 -26.38 -3.28 4.72
N ILE B 38 -25.83 -2.16 5.22
CA ILE B 38 -26.71 -1.07 5.63
C ILE B 38 -26.30 0.12 4.74
N ILE B 39 -27.23 0.64 3.93
CA ILE B 39 -26.99 1.76 3.00
C ILE B 39 -28.05 2.83 3.15
N SER B 40 -28.05 3.83 2.27
CA SER B 40 -29.10 4.85 2.35
C SER B 40 -30.44 4.33 1.85
N LEU B 41 -31.52 4.79 2.48
CA LEU B 41 -32.86 4.42 1.99
C LEU B 41 -32.98 4.88 0.54
N ASP B 42 -32.44 6.06 0.20
CA ASP B 42 -32.53 6.54 -1.19
C ASP B 42 -32.01 5.54 -2.19
N SER B 43 -30.92 4.86 -1.85
CA SER B 43 -30.33 3.94 -2.80
C SER B 43 -31.14 2.68 -3.06
N VAL B 44 -31.79 2.15 -2.04
CA VAL B 44 -32.55 0.92 -2.27
C VAL B 44 -33.58 1.21 -3.33
N GLU B 45 -34.21 2.36 -3.16
CA GLU B 45 -35.26 2.83 -4.04
C GLU B 45 -34.72 3.03 -5.44
N GLU B 46 -33.55 3.66 -5.56
CA GLU B 46 -32.99 3.92 -6.87
C GLU B 46 -32.47 2.66 -7.56
N LEU B 47 -31.88 1.75 -6.80
CA LEU B 47 -31.36 0.51 -7.38
C LEU B 47 -32.48 -0.55 -7.50
N GLY B 48 -33.70 -0.21 -7.11
CA GLY B 48 -34.81 -1.16 -7.18
C GLY B 48 -34.54 -2.49 -6.49
N VAL B 49 -34.05 -2.43 -5.25
CA VAL B 49 -33.75 -3.61 -4.46
C VAL B 49 -35.09 -4.19 -3.99
N LYS B 50 -35.26 -5.50 -4.21
CA LYS B 50 -36.46 -6.28 -3.89
C LYS B 50 -36.10 -7.73 -3.56
N GLU B 51 -36.94 -8.42 -2.80
CA GLU B 51 -36.65 -9.83 -2.48
C GLU B 51 -36.43 -10.52 -3.83
N GLY B 52 -35.47 -11.43 -3.90
CA GLY B 52 -35.21 -12.14 -5.13
C GLY B 52 -34.28 -11.51 -6.15
N ALA B 53 -34.06 -10.20 -6.05
CA ALA B 53 -33.15 -9.58 -7.01
C ALA B 53 -31.74 -10.14 -6.95
N GLU B 54 -31.07 -10.08 -8.10
CA GLU B 54 -29.72 -10.61 -8.21
C GLU B 54 -28.78 -9.42 -8.13
N LEU B 55 -28.16 -9.22 -6.97
CA LEU B 55 -27.24 -8.11 -6.79
C LEU B 55 -25.87 -8.56 -6.31
N THR B 56 -24.99 -7.57 -6.15
CA THR B 56 -23.60 -7.80 -5.80
C THR B 56 -23.13 -6.92 -4.63
N ALA B 57 -22.48 -7.56 -3.64
CA ALA B 57 -21.95 -6.87 -2.43
C ALA B 57 -20.51 -6.45 -2.70
N VAL B 58 -20.20 -5.20 -2.39
CA VAL B 58 -18.87 -4.69 -2.62
C VAL B 58 -18.27 -4.13 -1.34
N VAL B 59 -17.00 -4.48 -1.11
CA VAL B 59 -16.27 -4.10 0.12
C VAL B 59 -14.81 -3.73 -0.14
N LYS B 60 -14.42 -2.53 0.33
CA LYS B 60 -13.02 -2.10 0.23
C LYS B 60 -12.11 -3.04 1.04
N SER B 61 -10.92 -3.37 0.52
CA SER B 61 -10.00 -4.24 1.28
C SER B 61 -9.62 -3.72 2.66
N THR B 62 -9.41 -2.40 2.81
CA THR B 62 -9.04 -1.89 4.12
C THR B 62 -10.17 -1.94 5.18
N ASP B 63 -11.36 -2.43 4.79
CA ASP B 63 -12.48 -2.61 5.74
C ASP B 63 -12.64 -4.07 6.16
N VAL B 64 -11.89 -4.99 5.56
CA VAL B 64 -11.97 -6.40 5.93
C VAL B 64 -10.99 -6.77 7.07
N MET B 65 -11.52 -7.25 8.19
CA MET B 65 -10.66 -7.64 9.32
C MET B 65 -10.40 -9.14 9.31
N ILE B 66 -9.37 -9.60 10.03
CA ILE B 66 -9.09 -11.04 10.07
C ILE B 66 -9.28 -11.57 11.48
N LEU B 67 -10.00 -12.68 11.63
CA LEU B 67 -10.25 -13.30 12.92
C LEU B 67 -9.63 -14.70 13.00
N ALA B 68 -8.90 -14.93 14.08
CA ALA B 68 -8.27 -16.24 14.33
C ALA B 68 -9.07 -17.06 15.36
N SER C 2 -9.15 -12.23 19.48
CA SER C 2 -8.11 -12.64 18.49
C SER C 2 -8.51 -12.17 17.08
N ILE C 3 -8.78 -10.88 16.97
CA ILE C 3 -9.13 -10.31 15.67
C ILE C 3 -8.07 -9.26 15.36
N SER C 4 -7.87 -8.95 14.08
CA SER C 4 -6.85 -7.97 13.68
C SER C 4 -7.06 -6.56 14.22
N ALA C 5 -8.32 -6.15 14.39
CA ALA C 5 -8.60 -4.79 14.88
C ALA C 5 -7.81 -4.52 16.16
N ARG C 6 -6.88 -3.58 16.13
CA ARG C 6 -6.01 -3.38 17.29
C ARG C 6 -6.50 -2.61 18.50
N ASN C 7 -7.60 -1.87 18.34
CA ASN C 7 -8.15 -1.07 19.43
C ASN C 7 -9.33 -1.81 20.07
N GLN C 8 -9.13 -2.25 21.32
CA GLN C 8 -10.15 -2.98 22.09
C GLN C 8 -10.25 -2.28 23.47
N LEU C 9 -11.39 -1.60 23.66
CA LEU C 9 -11.62 -0.78 24.84
C LEU C 9 -12.78 -1.23 25.71
N LYS C 10 -12.44 -1.77 26.90
CA LYS C 10 -13.47 -2.24 27.82
C LYS C 10 -14.27 -1.09 28.40
N GLY C 11 -15.57 -1.29 28.51
CA GLY C 11 -16.41 -0.26 29.04
C GLY C 11 -17.78 -0.72 29.51
N LYS C 12 -18.48 0.21 30.12
CA LYS C 12 -19.81 -0.05 30.65
C LYS C 12 -20.90 0.77 29.95
N VAL C 13 -21.99 0.11 29.59
CA VAL C 13 -23.07 0.78 28.88
C VAL C 13 -23.81 1.80 29.73
N VAL C 14 -23.78 3.05 29.28
CA VAL C 14 -24.49 4.12 29.97
C VAL C 14 -25.61 4.75 29.14
N GLY C 15 -25.81 4.24 27.91
CA GLY C 15 -26.86 4.80 27.06
C GLY C 15 -27.15 3.91 25.88
N LEU C 16 -28.43 3.81 25.49
CA LEU C 16 -28.85 2.96 24.37
C LEU C 16 -30.06 3.58 23.72
N LYS C 17 -30.05 3.71 22.40
CA LYS C 17 -31.19 4.27 21.69
CA LYS C 17 -31.19 4.28 21.68
C LYS C 17 -31.49 3.37 20.49
N LYS C 18 -32.69 2.82 20.43
CA LYS C 18 -33.02 1.91 19.34
C LYS C 18 -33.82 2.53 18.17
N GLY C 19 -33.25 2.53 16.98
CA GLY C 19 -33.90 3.06 15.77
C GLY C 19 -34.62 1.97 15.02
N VAL C 20 -34.96 2.19 13.75
CA VAL C 20 -35.64 1.18 12.92
C VAL C 20 -34.68 0.14 12.35
N VAL C 21 -33.54 0.63 11.85
CA VAL C 21 -32.47 -0.18 11.25
C VAL C 21 -31.18 -0.23 12.08
N THR C 22 -30.81 0.91 12.65
CA THR C 22 -29.61 1.09 13.46
C THR C 22 -29.94 1.32 14.92
N ALA C 23 -28.91 1.25 15.76
CA ALA C 23 -28.99 1.53 17.18
C ALA C 23 -27.69 2.19 17.67
N GLU C 24 -27.81 3.10 18.65
CA GLU C 24 -26.70 3.84 19.24
C GLU C 24 -26.38 3.39 20.67
N VAL C 25 -25.12 3.03 20.89
CA VAL C 25 -24.68 2.55 22.20
C VAL C 25 -23.60 3.48 22.72
N VAL C 26 -23.75 3.96 23.97
CA VAL C 26 -22.73 4.82 24.56
C VAL C 26 -22.07 4.09 25.73
N LEU C 27 -20.74 3.95 25.70
CA LEU C 27 -19.99 3.25 26.76
C LEU C 27 -19.05 4.17 27.53
N GLU C 28 -18.90 3.94 28.83
CA GLU C 28 -17.99 4.74 29.63
C GLU C 28 -16.73 3.89 29.82
N ILE C 29 -15.58 4.36 29.36
CA ILE C 29 -14.37 3.54 29.48
C ILE C 29 -13.43 4.14 30.53
N ALA C 30 -12.18 3.69 30.55
CA ALA C 30 -11.24 4.20 31.56
C ALA C 30 -11.10 5.72 31.61
N GLY C 31 -11.01 6.28 32.83
CA GLY C 31 -10.83 7.72 32.97
C GLY C 31 -12.03 8.61 32.73
N GLY C 32 -13.18 7.98 32.55
CA GLY C 32 -14.35 8.79 32.32
C GLY C 32 -14.58 9.10 30.84
N ASN C 33 -13.72 8.63 29.94
CA ASN C 33 -13.94 8.89 28.50
C ASN C 33 -15.26 8.21 28.13
N LYS C 34 -15.87 8.64 27.04
CA LYS C 34 -17.09 7.98 26.57
C LYS C 34 -16.91 7.59 25.09
N ILE C 35 -17.39 6.40 24.70
CA ILE C 35 -17.29 5.97 23.30
C ILE C 35 -18.70 5.79 22.77
N THR C 36 -18.99 6.27 21.55
CA THR C 36 -20.31 6.13 20.96
C THR C 36 -20.21 5.23 19.71
N SER C 37 -21.11 4.25 19.63
CA SER C 37 -21.15 3.25 18.58
C SER C 37 -22.51 3.21 17.86
N ILE C 38 -22.50 3.19 16.53
CA ILE C 38 -23.73 2.95 15.78
C ILE C 38 -23.62 1.59 15.08
N ILE C 39 -24.47 0.64 15.47
CA ILE C 39 -24.52 -0.73 14.93
C ILE C 39 -25.89 -1.12 14.42
N SER C 40 -26.04 -2.33 13.90
CA SER C 40 -27.37 -2.75 13.45
C SER C 40 -28.27 -3.03 14.65
N LEU C 41 -29.56 -2.77 14.47
CA LEU C 41 -30.53 -3.03 15.52
C LEU C 41 -30.51 -4.52 15.86
N ASP C 42 -30.31 -5.37 14.86
CA ASP C 42 -30.27 -6.82 15.12
C ASP C 42 -29.17 -7.19 16.11
N SER C 43 -28.01 -6.53 16.00
CA SER C 43 -26.91 -6.87 16.89
C SER C 43 -27.18 -6.52 18.33
N VAL C 44 -27.86 -5.39 18.51
CA VAL C 44 -28.17 -4.93 19.85
C VAL C 44 -28.99 -6.01 20.53
N GLU C 45 -29.88 -6.59 19.75
CA GLU C 45 -30.77 -7.62 20.25
C GLU C 45 -30.10 -8.96 20.51
N GLU C 46 -29.07 -9.26 19.70
CA GLU C 46 -28.35 -10.52 19.80
C GLU C 46 -27.24 -10.57 20.86
N LEU C 47 -26.64 -9.44 21.18
CA LEU C 47 -25.55 -9.42 22.14
C LEU C 47 -26.05 -9.05 23.53
N GLY C 48 -27.36 -8.99 23.67
CA GLY C 48 -27.96 -8.61 24.93
C GLY C 48 -27.44 -7.26 25.37
N VAL C 49 -27.59 -6.23 24.54
CA VAL C 49 -27.10 -4.93 24.97
C VAL C 49 -28.14 -4.23 25.84
N LYS C 50 -27.75 -3.82 27.05
CA LYS C 50 -28.64 -3.13 27.99
C LYS C 50 -27.82 -2.22 28.90
N GLU C 51 -28.45 -1.20 29.45
CA GLU C 51 -27.73 -0.30 30.34
C GLU C 51 -27.05 -1.07 31.48
N GLY C 52 -25.84 -0.68 31.85
CA GLY C 52 -25.12 -1.38 32.90
C GLY C 52 -24.25 -2.54 32.42
N ALA C 53 -24.53 -3.09 31.26
CA ALA C 53 -23.72 -4.20 30.75
C ALA C 53 -22.25 -3.83 30.55
N GLU C 54 -21.34 -4.74 30.87
CA GLU C 54 -19.93 -4.45 30.63
C GLU C 54 -19.56 -5.03 29.24
N LEU C 55 -19.14 -4.18 28.31
CA LEU C 55 -18.78 -4.61 26.95
C LEU C 55 -17.48 -3.98 26.44
N THR C 56 -17.04 -4.39 25.26
CA THR C 56 -15.81 -3.88 24.67
C THR C 56 -16.03 -3.20 23.29
N ALA C 57 -15.52 -1.98 23.13
CA ALA C 57 -15.60 -1.24 21.88
C ALA C 57 -14.38 -1.66 21.02
N VAL C 58 -14.57 -1.94 19.73
CA VAL C 58 -13.51 -2.39 18.84
C VAL C 58 -13.42 -1.53 17.57
N VAL C 59 -12.20 -1.16 17.24
CA VAL C 59 -12.00 -0.29 16.07
C VAL C 59 -10.78 -0.68 15.22
N LYS C 60 -10.94 -0.69 13.90
CA LYS C 60 -9.84 -0.99 12.99
C LYS C 60 -8.88 0.21 12.97
N SER C 61 -7.56 -0.02 12.87
CA SER C 61 -6.55 1.10 12.92
C SER C 61 -6.71 2.09 11.81
N THR C 62 -7.07 1.58 10.63
CA THR C 62 -7.26 2.49 9.52
C THR C 62 -8.46 3.42 9.66
N ASP C 63 -9.28 3.25 10.69
CA ASP C 63 -10.44 4.09 10.82
C ASP C 63 -10.21 5.16 11.88
N VAL C 64 -9.01 5.16 12.46
CA VAL C 64 -8.65 6.15 13.49
C VAL C 64 -7.87 7.35 12.90
N MET C 65 -8.39 8.57 13.06
CA MET C 65 -7.76 9.80 12.57
C MET C 65 -6.98 10.48 13.68
N ILE C 66 -6.05 11.32 13.30
CA ILE C 66 -5.27 12.06 14.34
C ILE C 66 -5.56 13.56 14.18
N LEU C 67 -5.82 14.24 15.29
CA LEU C 67 -6.11 15.66 15.38
C LEU C 67 -5.06 16.31 16.27
N ALA C 68 -4.36 17.30 15.73
CA ALA C 68 -3.34 18.05 16.46
C ALA C 68 -3.88 19.38 16.96
N SER D 2 21.76 -25.11 -18.24
CA SER D 2 22.99 -24.72 -18.97
C SER D 2 23.12 -23.23 -19.26
N ILE D 3 23.54 -22.49 -18.23
CA ILE D 3 23.80 -21.07 -18.39
C ILE D 3 25.29 -20.89 -18.13
N SER D 4 25.91 -19.89 -18.74
CA SER D 4 27.35 -19.79 -18.62
C SER D 4 27.79 -19.42 -17.20
N ALA D 5 26.92 -18.79 -16.41
CA ALA D 5 27.38 -18.39 -15.05
C ALA D 5 27.83 -19.63 -14.28
N ARG D 6 29.09 -19.66 -13.86
CA ARG D 6 29.66 -20.86 -13.26
C ARG D 6 29.35 -21.14 -11.78
N ASN D 7 28.85 -20.13 -11.08
CA ASN D 7 28.56 -20.30 -9.67
C ASN D 7 27.06 -20.57 -9.50
N GLN D 8 26.73 -21.77 -9.04
CA GLN D 8 25.36 -22.20 -8.85
C GLN D 8 25.31 -22.89 -7.48
N LEU D 9 24.73 -22.17 -6.53
CA LEU D 9 24.65 -22.66 -5.14
C LEU D 9 23.22 -22.98 -4.67
N LYS D 10 22.96 -24.27 -4.45
CA LYS D 10 21.64 -24.71 -4.00
C LYS D 10 21.33 -24.25 -2.59
N GLY D 11 20.10 -23.81 -2.35
CA GLY D 11 19.80 -23.36 -1.01
C GLY D 11 18.33 -23.26 -0.64
N LYS D 12 18.04 -22.89 0.61
CA LYS D 12 16.63 -22.80 1.01
C LYS D 12 16.31 -21.40 1.50
N VAL D 13 15.16 -20.84 1.13
CA VAL D 13 14.84 -19.49 1.54
C VAL D 13 14.57 -19.32 3.04
N VAL D 14 15.33 -18.48 3.71
CA VAL D 14 15.13 -18.25 5.14
C VAL D 14 14.64 -16.84 5.44
N GLY D 15 14.71 -15.97 4.44
CA GLY D 15 14.28 -14.59 4.66
C GLY D 15 13.83 -13.97 3.34
N LEU D 16 12.77 -13.14 3.40
CA LEU D 16 12.23 -12.50 2.21
C LEU D 16 11.65 -11.14 2.62
N LYS D 17 12.17 -10.06 2.02
CA LYS D 17 11.66 -8.72 2.28
C LYS D 17 11.29 -8.03 0.95
N LYS D 18 10.05 -7.55 0.79
CA LYS D 18 9.60 -6.94 -0.46
C LYS D 18 9.58 -5.42 -0.36
N GLY D 19 10.13 -4.75 -1.37
CA GLY D 19 10.22 -3.30 -1.45
C GLY D 19 9.26 -2.83 -2.55
N VAL D 20 9.39 -1.60 -3.05
CA VAL D 20 8.49 -1.17 -4.15
C VAL D 20 8.91 -1.68 -5.49
N VAL D 21 10.22 -1.66 -5.77
CA VAL D 21 10.80 -2.05 -7.05
C VAL D 21 11.65 -3.33 -6.90
N THR D 22 12.35 -3.45 -5.78
CA THR D 22 13.24 -4.60 -5.53
C THR D 22 12.73 -5.49 -4.39
N ALA D 23 13.41 -6.62 -4.17
CA ALA D 23 13.13 -7.57 -3.10
C ALA D 23 14.44 -8.19 -2.65
N GLU D 24 14.51 -8.55 -1.36
CA GLU D 24 15.70 -9.19 -0.81
C GLU D 24 15.37 -10.64 -0.39
N VAL D 25 16.15 -11.60 -0.91
CA VAL D 25 16.01 -13.02 -0.62
C VAL D 25 17.27 -13.48 0.09
N VAL D 26 17.12 -14.21 1.20
CA VAL D 26 18.28 -14.70 1.95
C VAL D 26 18.17 -16.22 1.90
N LEU D 27 19.22 -16.88 1.42
CA LEU D 27 19.18 -18.34 1.36
C LEU D 27 20.23 -18.94 2.27
N GLU D 28 19.91 -20.07 2.88
CA GLU D 28 20.89 -20.81 3.65
C GLU D 28 21.44 -21.87 2.66
N ILE D 29 22.74 -21.93 2.44
CA ILE D 29 23.31 -22.93 1.52
C ILE D 29 24.12 -23.98 2.26
N ALA D 30 24.73 -24.92 1.55
CA ALA D 30 25.49 -25.99 2.19
C ALA D 30 26.70 -25.57 3.02
N GLY D 31 26.85 -26.21 4.19
CA GLY D 31 27.95 -25.93 5.09
C GLY D 31 27.79 -24.76 6.06
N GLY D 32 26.57 -24.28 6.25
CA GLY D 32 26.35 -23.18 7.17
C GLY D 32 26.57 -21.80 6.55
N ASN D 33 26.80 -21.73 5.24
CA ASN D 33 26.96 -20.40 4.65
C ASN D 33 25.58 -19.80 4.29
N LYS D 34 25.56 -18.48 4.10
CA LYS D 34 24.35 -17.74 3.74
C LYS D 34 24.57 -16.82 2.55
N ILE D 35 23.57 -16.74 1.67
CA ILE D 35 23.73 -15.92 0.47
C ILE D 35 22.60 -14.89 0.47
N THR D 36 22.88 -13.64 0.13
CA THR D 36 21.83 -12.62 0.08
C THR D 36 21.73 -12.07 -1.36
N SER D 37 20.53 -12.00 -1.90
CA SER D 37 20.26 -11.51 -3.26
C SER D 37 19.23 -10.37 -3.30
N ILE D 38 19.44 -9.37 -4.17
CA ILE D 38 18.46 -8.30 -4.33
C ILE D 38 18.13 -8.35 -5.83
N ILE D 39 16.86 -8.66 -6.13
CA ILE D 39 16.40 -8.79 -7.49
C ILE D 39 15.10 -7.98 -7.67
N SER D 40 14.48 -8.06 -8.85
CA SER D 40 13.24 -7.30 -9.00
C SER D 40 12.09 -7.96 -8.26
N LEU D 41 11.21 -7.14 -7.71
CA LEU D 41 10.02 -7.66 -7.04
C LEU D 41 9.21 -8.47 -8.05
N ASP D 42 9.21 -8.01 -9.28
CA ASP D 42 8.43 -8.74 -10.28
C ASP D 42 8.87 -10.21 -10.41
N SER D 43 10.18 -10.45 -10.40
CA SER D 43 10.71 -11.82 -10.46
C SER D 43 10.36 -12.70 -9.27
N VAL D 44 10.39 -12.10 -8.08
CA VAL D 44 10.08 -12.81 -6.86
C VAL D 44 8.67 -13.35 -6.95
N GLU D 45 7.79 -12.43 -7.35
CA GLU D 45 6.37 -12.74 -7.53
C GLU D 45 6.22 -13.78 -8.65
N GLU D 46 6.91 -13.62 -9.77
CA GLU D 46 6.77 -14.63 -10.83
C GLU D 46 7.35 -16.03 -10.53
N LEU D 47 8.45 -16.13 -9.78
CA LEU D 47 9.11 -17.42 -9.48
C LEU D 47 8.58 -18.24 -8.30
N GLY D 48 7.63 -17.73 -7.53
CA GLY D 48 7.19 -18.53 -6.39
C GLY D 48 8.19 -18.51 -5.26
N VAL D 49 8.70 -17.32 -4.94
CA VAL D 49 9.65 -17.24 -3.84
C VAL D 49 8.87 -16.96 -2.57
N LYS D 50 9.10 -17.82 -1.58
CA LYS D 50 8.43 -17.80 -0.29
C LYS D 50 9.37 -18.55 0.63
N GLU D 51 9.29 -18.24 1.92
CA GLU D 51 10.09 -18.86 2.96
C GLU D 51 9.93 -20.35 2.80
N GLY D 52 11.04 -21.09 2.90
CA GLY D 52 11.01 -22.54 2.75
C GLY D 52 11.28 -23.08 1.37
N ALA D 53 11.16 -22.25 0.33
CA ALA D 53 11.37 -22.73 -1.02
C ALA D 53 12.82 -23.15 -1.29
N GLU D 54 13.00 -24.18 -2.13
CA GLU D 54 14.36 -24.61 -2.49
C GLU D 54 14.66 -24.00 -3.82
N LEU D 55 15.69 -23.17 -3.86
CA LEU D 55 16.05 -22.48 -5.08
C LEU D 55 17.59 -22.49 -5.22
N THR D 56 18.08 -21.91 -6.30
CA THR D 56 19.51 -21.88 -6.60
C THR D 56 20.00 -20.45 -6.83
N ALA D 57 21.08 -20.05 -6.15
CA ALA D 57 21.65 -18.71 -6.36
C ALA D 57 22.67 -18.84 -7.50
N VAL D 58 22.67 -17.90 -8.43
CA VAL D 58 23.58 -17.94 -9.57
C VAL D 58 24.41 -16.66 -9.65
N VAL D 59 25.73 -16.77 -9.85
CA VAL D 59 26.58 -15.58 -9.97
C VAL D 59 27.61 -15.69 -11.09
N LYS D 60 27.69 -14.68 -11.96
CA LYS D 60 28.72 -14.67 -13.02
CA LYS D 60 28.72 -14.69 -13.01
C LYS D 60 30.15 -14.62 -12.44
N SER D 61 31.12 -15.36 -13.01
CA SER D 61 32.49 -15.31 -12.45
C SER D 61 33.10 -13.92 -12.36
N THR D 62 32.77 -13.10 -13.37
CA THR D 62 33.29 -11.74 -13.38
C THR D 62 32.79 -10.80 -12.27
N ASP D 63 31.79 -11.24 -11.52
CA ASP D 63 31.25 -10.48 -10.40
C ASP D 63 31.78 -10.92 -9.02
N VAL D 64 32.66 -11.91 -8.99
CA VAL D 64 33.21 -12.42 -7.73
C VAL D 64 34.59 -11.82 -7.48
N MET D 65 34.68 -11.05 -6.40
CA MET D 65 35.94 -10.45 -5.97
C MET D 65 36.72 -11.38 -5.03
N ILE D 66 38.04 -11.18 -4.90
CA ILE D 66 38.85 -11.98 -3.94
C ILE D 66 39.40 -11.09 -2.82
N LEU D 67 39.26 -11.50 -1.56
CA LEU D 67 39.72 -10.73 -0.38
C LEU D 67 40.78 -11.54 0.35
N ALA D 68 41.92 -10.93 0.65
CA ALA D 68 43.00 -11.63 1.33
C ALA D 68 43.23 -11.11 2.75
N SER E 2 42.63 -4.96 1.35
CA SER E 2 43.34 -6.02 0.59
C SER E 2 42.36 -6.85 -0.24
N ILE E 3 41.56 -6.19 -1.07
CA ILE E 3 40.59 -6.85 -1.97
C ILE E 3 40.93 -6.59 -3.45
N SER E 4 40.62 -7.54 -4.33
CA SER E 4 40.93 -7.40 -5.75
C SER E 4 40.35 -6.15 -6.45
N ALA E 5 39.21 -5.63 -6.02
CA ALA E 5 38.68 -4.43 -6.69
C ALA E 5 39.76 -3.36 -6.56
N ARG E 6 40.25 -2.90 -7.70
CA ARG E 6 41.43 -2.02 -7.70
C ARG E 6 41.11 -0.55 -7.50
N ASN E 7 39.84 -0.21 -7.57
CA ASN E 7 39.42 1.17 -7.43
C ASN E 7 38.93 1.46 -6.03
N GLN E 8 39.68 2.29 -5.29
CA GLN E 8 39.29 2.68 -3.94
C GLN E 8 39.38 4.22 -3.86
N LEU E 9 38.24 4.90 -3.70
CA LEU E 9 38.13 6.38 -3.72
C LEU E 9 37.60 6.89 -2.37
N LYS E 10 38.45 7.56 -1.59
CA LYS E 10 37.99 7.99 -0.27
C LYS E 10 37.17 9.25 -0.38
N GLY E 11 36.18 9.39 0.50
CA GLY E 11 35.33 10.57 0.48
C GLY E 11 34.49 10.77 1.73
N LYS E 12 33.68 11.83 1.75
CA LYS E 12 32.81 12.12 2.89
C LYS E 12 31.37 12.03 2.42
N VAL E 13 30.51 11.52 3.30
CA VAL E 13 29.09 11.40 2.97
C VAL E 13 28.42 12.77 2.92
N VAL E 14 27.82 13.09 1.78
CA VAL E 14 27.05 14.32 1.58
C VAL E 14 25.57 14.10 1.25
N GLY E 15 25.15 12.85 1.08
CA GLY E 15 23.76 12.53 0.80
C GLY E 15 23.42 11.10 1.23
N LEU E 16 22.19 10.90 1.74
CA LEU E 16 21.74 9.58 2.19
C LEU E 16 20.23 9.47 2.10
N LYS E 17 19.74 8.47 1.38
CA LYS E 17 18.30 8.26 1.21
C LYS E 17 17.99 6.78 1.43
N LYS E 18 17.10 6.49 2.39
CA LYS E 18 16.83 5.11 2.72
C LYS E 18 15.54 4.63 2.09
N GLY E 19 15.57 3.48 1.38
CA GLY E 19 14.38 2.92 0.75
C GLY E 19 13.91 1.73 1.56
N VAL E 20 13.07 0.87 1.02
CA VAL E 20 12.63 -0.30 1.79
C VAL E 20 13.66 -1.42 1.80
N VAL E 21 14.18 -1.75 0.61
CA VAL E 21 15.24 -2.77 0.47
C VAL E 21 16.63 -2.16 0.20
N THR E 22 16.72 -1.10 -0.59
CA THR E 22 18.01 -0.49 -0.96
C THR E 22 18.14 0.88 -0.31
N ALA E 23 19.34 1.42 -0.39
CA ALA E 23 19.69 2.79 0.10
C ALA E 23 20.72 3.42 -0.83
N GLU E 24 20.64 4.75 -0.92
CA GLU E 24 21.54 5.53 -1.76
C GLU E 24 22.45 6.38 -0.91
N VAL E 25 23.75 6.26 -1.16
CA VAL E 25 24.79 7.02 -0.48
C VAL E 25 25.55 7.85 -1.50
N VAL E 26 25.70 9.16 -1.24
CA VAL E 26 26.50 10.00 -2.12
C VAL E 26 27.74 10.45 -1.36
N LEU E 27 28.91 10.25 -1.95
CA LEU E 27 30.21 10.59 -1.36
C LEU E 27 30.85 11.70 -2.15
N GLU E 28 31.41 12.66 -1.44
CA GLU E 28 32.14 13.70 -2.16
C GLU E 28 33.60 13.28 -2.13
N ILE E 29 34.22 13.10 -3.30
CA ILE E 29 35.64 12.73 -3.35
C ILE E 29 36.49 13.86 -3.90
N ALA E 30 37.79 13.60 -3.96
CA ALA E 30 38.75 14.55 -4.46
C ALA E 30 38.31 15.33 -5.69
N GLY E 31 38.62 16.61 -5.66
CA GLY E 31 38.34 17.42 -6.82
C GLY E 31 36.91 17.81 -7.06
N GLY E 32 36.06 17.68 -6.03
CA GLY E 32 34.65 17.99 -6.09
C GLY E 32 33.70 16.90 -6.59
N ASN E 33 34.24 15.94 -7.33
CA ASN E 33 33.47 14.85 -7.90
C ASN E 33 32.51 14.21 -6.90
N LYS E 34 31.38 13.70 -7.37
CA LYS E 34 30.46 13.01 -6.47
C LYS E 34 30.31 11.55 -6.91
N ILE E 35 30.33 10.61 -5.96
CA ILE E 35 30.14 9.19 -6.31
C ILE E 35 28.81 8.77 -5.69
N THR E 36 27.91 8.17 -6.48
CA THR E 36 26.64 7.68 -5.96
C THR E 36 26.64 6.14 -5.92
N SER E 37 26.24 5.55 -4.80
CA SER E 37 26.22 4.12 -4.56
C SER E 37 24.82 3.67 -4.17
N ILE E 38 24.35 2.54 -4.68
CA ILE E 38 23.08 2.02 -4.20
C ILE E 38 23.45 0.65 -3.59
N ILE E 39 23.21 0.49 -2.29
CA ILE E 39 23.51 -0.75 -1.58
C ILE E 39 22.30 -1.22 -0.79
N SER E 40 22.45 -2.29 0.00
CA SER E 40 21.31 -2.76 0.80
C SER E 40 21.03 -1.82 1.98
N LEU E 41 19.76 -1.68 2.34
CA LEU E 41 19.44 -0.87 3.54
C LEU E 41 20.17 -1.46 4.74
N ASP E 42 20.21 -2.79 4.83
CA ASP E 42 20.87 -3.46 5.95
C ASP E 42 22.31 -3.00 6.15
N SER E 43 23.03 -2.79 5.06
CA SER E 43 24.42 -2.41 5.21
C SER E 43 24.61 -0.99 5.73
N VAL E 44 23.75 -0.09 5.30
CA VAL E 44 23.84 1.29 5.74
C VAL E 44 23.80 1.27 7.27
N GLU E 45 22.81 0.54 7.78
CA GLU E 45 22.61 0.43 9.20
C GLU E 45 23.84 -0.16 9.90
N GLU E 46 24.41 -1.23 9.35
CA GLU E 46 25.56 -1.88 9.97
C GLU E 46 26.89 -1.12 9.86
N LEU E 47 27.10 -0.41 8.75
CA LEU E 47 28.34 0.35 8.55
C LEU E 47 28.23 1.75 9.20
N GLY E 48 27.10 2.04 9.84
CA GLY E 48 26.86 3.33 10.46
C GLY E 48 27.01 4.53 9.54
N VAL E 49 26.45 4.44 8.33
CA VAL E 49 26.53 5.51 7.35
C VAL E 49 25.65 6.67 7.79
N LYS E 50 26.24 7.86 7.86
CA LYS E 50 25.55 9.08 8.28
C LYS E 50 26.26 10.26 7.62
N GLU E 51 25.58 11.40 7.48
CA GLU E 51 26.18 12.57 6.83
C GLU E 51 27.48 12.87 7.55
N GLY E 52 28.51 13.26 6.81
CA GLY E 52 29.80 13.57 7.40
C GLY E 52 30.79 12.43 7.59
N ALA E 53 30.32 11.19 7.58
CA ALA E 53 31.26 10.11 7.78
C ALA E 53 32.29 9.99 6.66
N GLU E 54 33.45 9.47 7.01
CA GLU E 54 34.54 9.33 6.06
C GLU E 54 34.52 7.88 5.65
N LEU E 55 34.22 7.63 4.38
CA LEU E 55 34.17 6.25 3.92
C LEU E 55 34.92 6.14 2.60
N THR E 56 34.88 4.95 1.99
CA THR E 56 35.62 4.70 0.75
C THR E 56 34.79 4.00 -0.34
N ALA E 57 34.76 4.48 -1.57
CA ALA E 57 33.97 3.74 -2.57
C ALA E 57 34.85 2.69 -3.22
N VAL E 58 34.29 1.50 -3.51
CA VAL E 58 35.08 0.48 -4.10
C VAL E 58 34.33 -0.07 -5.35
N VAL E 59 35.05 -0.31 -6.44
CA VAL E 59 34.44 -0.69 -7.73
C VAL E 59 35.33 -1.70 -8.44
N LYS E 60 34.78 -2.87 -8.79
CA LYS E 60 35.55 -3.83 -9.61
C LYS E 60 35.93 -3.24 -10.98
N SER E 61 37.14 -3.55 -11.47
CA SER E 61 37.58 -3.01 -12.74
C SER E 61 36.65 -3.38 -13.88
N THR E 62 36.18 -4.64 -13.88
CA THR E 62 35.24 -5.03 -14.95
C THR E 62 33.90 -4.27 -14.98
N ASP E 63 33.65 -3.39 -14.00
CA ASP E 63 32.41 -2.60 -13.98
C ASP E 63 32.63 -1.16 -14.43
N VAL E 64 33.88 -0.82 -14.73
CA VAL E 64 34.16 0.55 -15.19
C VAL E 64 34.18 0.66 -16.72
N MET E 65 33.33 1.51 -17.29
CA MET E 65 33.26 1.71 -18.74
C MET E 65 34.07 2.91 -19.18
N ILE E 66 34.38 3.02 -20.46
CA ILE E 66 35.16 4.16 -20.94
C ILE E 66 34.33 4.97 -21.94
N LEU E 67 34.26 6.29 -21.74
CA LEU E 67 33.52 7.17 -22.63
C LEU E 67 34.50 8.13 -23.31
N ALA E 68 34.40 8.18 -24.64
CA ALA E 68 35.26 9.02 -25.47
C ALA E 68 34.63 10.36 -25.85
N SER F 2 29.46 7.15 -27.71
CA SER F 2 30.91 6.78 -27.80
C SER F 2 31.39 6.23 -26.45
N ILE F 3 30.70 5.20 -26.00
CA ILE F 3 31.05 4.56 -24.73
C ILE F 3 31.47 3.13 -25.05
N SER F 4 32.31 2.53 -24.22
CA SER F 4 32.79 1.17 -24.46
C SER F 4 31.73 0.07 -24.46
N ALA F 5 30.66 0.25 -23.68
CA ALA F 5 29.57 -0.74 -23.60
C ALA F 5 29.09 -1.08 -25.01
N ARG F 6 29.32 -2.31 -25.46
CA ARG F 6 29.03 -2.65 -26.86
C ARG F 6 27.59 -2.94 -27.28
N ASN F 7 26.73 -3.10 -26.27
CA ASN F 7 25.35 -3.41 -26.56
C ASN F 7 24.54 -2.14 -26.37
N GLN F 8 23.94 -1.65 -27.46
CA GLN F 8 23.11 -0.43 -27.45
C GLN F 8 21.82 -0.72 -28.24
N LEU F 9 20.71 -0.87 -27.51
CA LEU F 9 19.43 -1.27 -28.10
C LEU F 9 18.34 -0.19 -28.07
N LYS F 10 17.96 0.30 -29.25
CA LYS F 10 16.93 1.34 -29.35
C LYS F 10 15.55 0.81 -29.00
N GLY F 11 14.80 1.57 -28.21
CA GLY F 11 13.49 1.07 -27.87
C GLY F 11 12.50 2.11 -27.38
N LYS F 12 11.26 1.67 -27.18
CA LYS F 12 10.21 2.58 -26.72
C LYS F 12 9.67 2.24 -25.33
N VAL F 13 9.57 3.24 -24.46
CA VAL F 13 9.08 3.00 -23.11
C VAL F 13 7.63 2.53 -23.03
N VAL F 14 7.39 1.32 -22.54
CA VAL F 14 6.04 0.82 -22.40
C VAL F 14 5.66 0.54 -20.93
N GLY F 15 6.52 0.89 -19.98
CA GLY F 15 6.20 0.64 -18.57
C GLY F 15 7.18 1.36 -17.66
N LEU F 16 6.69 1.87 -16.54
CA LEU F 16 7.53 2.61 -15.60
C LEU F 16 6.99 2.48 -14.18
N LYS F 17 7.83 2.13 -13.22
CA LYS F 17 7.38 2.04 -11.82
C LYS F 17 8.38 2.77 -10.93
N LYS F 18 7.93 3.78 -10.19
CA LYS F 18 8.86 4.53 -9.34
C LYS F 18 8.89 4.12 -7.87
N GLY F 19 10.04 3.66 -7.39
CA GLY F 19 10.22 3.23 -6.00
C GLY F 19 10.76 4.38 -5.17
N VAL F 20 11.23 4.12 -3.96
CA VAL F 20 11.80 5.17 -3.13
C VAL F 20 13.21 5.56 -3.55
N VAL F 21 14.01 4.53 -3.82
CA VAL F 21 15.41 4.69 -4.25
C VAL F 21 15.67 4.32 -5.72
N THR F 22 15.04 3.26 -6.19
CA THR F 22 15.19 2.76 -7.58
C THR F 22 13.92 2.93 -8.38
N ALA F 23 14.00 2.71 -9.70
CA ALA F 23 12.84 2.74 -10.57
C ALA F 23 13.03 1.69 -11.66
N GLU F 24 11.93 1.11 -12.13
CA GLU F 24 11.93 0.08 -13.16
C GLU F 24 11.38 0.60 -14.49
N VAL F 25 12.16 0.43 -15.56
CA VAL F 25 11.74 0.90 -16.88
C VAL F 25 11.67 -0.29 -17.83
N VAL F 26 10.56 -0.47 -18.54
CA VAL F 26 10.48 -1.57 -19.51
C VAL F 26 10.40 -0.98 -20.93
N LEU F 27 11.28 -1.44 -21.84
CA LEU F 27 11.25 -0.94 -23.23
C LEU F 27 10.92 -2.04 -24.23
N GLU F 28 10.26 -1.68 -25.33
CA GLU F 28 9.95 -2.62 -26.40
C GLU F 28 11.00 -2.30 -27.44
N ILE F 29 11.74 -3.30 -27.89
CA ILE F 29 12.79 -3.06 -28.88
C ILE F 29 12.41 -3.82 -30.16
N ALA F 30 13.32 -3.97 -31.11
CA ALA F 30 12.94 -4.67 -32.36
C ALA F 30 12.41 -6.09 -32.20
N GLY F 31 11.44 -6.48 -33.05
CA GLY F 31 10.88 -7.83 -32.99
C GLY F 31 9.92 -8.10 -31.85
N GLY F 32 9.58 -7.05 -31.11
CA GLY F 32 8.68 -7.25 -29.99
C GLY F 32 9.40 -7.69 -28.73
N ASN F 33 10.74 -7.74 -28.75
CA ASN F 33 11.50 -8.13 -27.56
C ASN F 33 11.22 -7.06 -26.50
N LYS F 34 11.33 -7.41 -25.22
CA LYS F 34 11.16 -6.42 -24.16
C LYS F 34 12.44 -6.39 -23.28
N ILE F 35 12.89 -5.20 -22.87
CA ILE F 35 14.08 -5.10 -22.02
C ILE F 35 13.67 -4.40 -20.72
N THR F 36 14.07 -4.94 -19.56
CA THR F 36 13.72 -4.36 -18.28
C THR F 36 15.00 -3.84 -17.61
N SER F 37 14.92 -2.61 -17.13
CA SER F 37 16.04 -1.92 -16.51
C SER F 37 15.70 -1.41 -15.10
N ILE F 38 16.61 -1.64 -14.14
CA ILE F 38 16.44 -1.02 -12.83
C ILE F 38 17.57 0.04 -12.64
N ILE F 39 17.21 1.31 -12.50
CA ILE F 39 18.14 2.43 -12.31
C ILE F 39 17.78 3.29 -11.09
N SER F 40 18.54 4.34 -10.83
CA SER F 40 18.21 5.18 -9.69
C SER F 40 16.99 6.03 -9.99
N LEU F 41 16.21 6.29 -8.94
CA LEU F 41 15.03 7.12 -9.13
C LEU F 41 15.43 8.50 -9.66
N ASP F 42 16.57 9.03 -9.21
CA ASP F 42 16.98 10.36 -9.67
C ASP F 42 17.19 10.41 -11.18
N SER F 43 17.66 9.30 -11.74
CA SER F 43 17.93 9.26 -13.16
C SER F 43 16.67 9.32 -14.00
N VAL F 44 15.65 8.66 -13.49
CA VAL F 44 14.39 8.59 -14.19
C VAL F 44 13.87 10.00 -14.32
N GLU F 45 14.08 10.76 -13.26
CA GLU F 45 13.62 12.14 -13.20
C GLU F 45 14.47 13.06 -14.06
N GLU F 46 15.78 12.79 -14.10
CA GLU F 46 16.72 13.60 -14.85
C GLU F 46 16.70 13.39 -16.37
N LEU F 47 16.38 12.18 -16.83
CA LEU F 47 16.35 11.94 -18.28
C LEU F 47 14.94 12.11 -18.82
N GLY F 48 14.05 12.57 -17.98
CA GLY F 48 12.68 12.72 -18.40
C GLY F 48 12.17 11.41 -18.98
N VAL F 49 12.15 10.37 -18.15
CA VAL F 49 11.64 9.09 -18.62
C VAL F 49 10.12 9.05 -18.45
N LYS F 50 9.38 8.70 -19.51
CA LYS F 50 7.92 8.65 -19.48
C LYS F 50 7.40 7.64 -20.50
N GLU F 51 6.20 7.12 -20.29
CA GLU F 51 5.67 6.17 -21.26
C GLU F 51 5.65 6.79 -22.66
N GLY F 52 5.98 5.99 -23.67
CA GLY F 52 6.03 6.46 -25.05
C GLY F 52 7.38 7.03 -25.47
N ALA F 53 8.21 7.39 -24.51
CA ALA F 53 9.51 7.95 -24.86
C ALA F 53 10.43 6.99 -25.64
N GLU F 54 11.14 7.50 -26.63
CA GLU F 54 12.08 6.63 -27.33
C GLU F 54 13.48 6.75 -26.68
N LEU F 55 13.99 5.64 -26.13
CA LEU F 55 15.30 5.64 -25.46
C LEU F 55 16.15 4.43 -25.88
N THR F 56 17.37 4.36 -25.37
CA THR F 56 18.27 3.26 -25.73
C THR F 56 18.76 2.49 -24.50
N ALA F 57 18.65 1.16 -24.52
CA ALA F 57 19.13 0.33 -23.41
C ALA F 57 20.65 0.06 -23.63
N VAL F 58 21.48 0.17 -22.59
CA VAL F 58 22.92 -0.09 -22.75
C VAL F 58 23.42 -1.15 -21.75
N VAL F 59 24.25 -2.04 -22.27
CA VAL F 59 24.77 -3.16 -21.44
C VAL F 59 26.26 -3.44 -21.67
N LYS F 60 27.04 -3.53 -20.59
CA LYS F 60 28.47 -3.89 -20.72
C LYS F 60 28.57 -5.37 -21.18
N SER F 61 29.55 -5.74 -22.01
CA SER F 61 29.67 -7.14 -22.53
C SER F 61 29.85 -8.16 -21.44
N THR F 62 30.64 -7.77 -20.45
CA THR F 62 30.87 -8.68 -19.35
C THR F 62 29.65 -8.97 -18.48
N ASP F 63 28.52 -8.28 -18.70
CA ASP F 63 27.32 -8.52 -17.91
C ASP F 63 26.36 -9.43 -18.67
N VAL F 64 26.75 -9.82 -19.87
CA VAL F 64 25.83 -10.68 -20.64
C VAL F 64 26.22 -12.16 -20.51
N MET F 65 25.27 -13.01 -20.10
CA MET F 65 25.45 -14.45 -19.94
C MET F 65 24.89 -15.17 -21.17
N ILE F 66 25.34 -16.39 -21.39
CA ILE F 66 24.80 -17.16 -22.52
C ILE F 66 24.10 -18.40 -21.95
N LEU F 67 22.92 -18.69 -22.49
CA LEU F 67 22.09 -19.83 -22.11
C LEU F 67 21.86 -20.75 -23.32
N ALA F 68 22.25 -22.02 -23.20
CA ALA F 68 22.06 -23.01 -24.26
C ALA F 68 20.89 -23.94 -23.90
MO MOO G . -20.81 10.39 13.46
O1 MOO G . -22.05 11.52 13.98
O2 MOO G . -19.83 11.22 12.26
O3 MOO G . -21.52 8.92 12.80
O4 MOO G . -19.79 9.97 14.84
MO MOO H . -32.65 4.88 11.20
O1 MOO H . -32.16 3.27 11.71
O2 MOO H . -31.91 6.17 12.12
O3 MOO H . -32.62 5.20 9.48
O4 MOO H . -34.37 4.95 11.61
CA CA I . -16.58 2.90 7.34
MO MOO J . -24.56 4.46 0.73
O1 MOO J . -24.57 4.54 2.50
O2 MOO J . -23.78 5.92 0.14
O3 MOO J . -26.19 4.37 0.07
O4 MOO J . -23.66 3.04 0.17
MO MOO K . -22.85 -3.83 12.57
O1 MOO K . -23.25 -2.36 11.68
O2 MOO K . -24.20 -4.32 13.59
O3 MOO K . -21.44 -3.57 13.59
O4 MOO K . -22.51 -5.12 11.42
CA CA L . 29.31 -6.83 -13.51
MO MOO M . 13.19 0.24 -3.10
O1 MOO M . 12.72 -1.10 -4.14
O2 MOO M . 11.83 1.04 -2.30
O3 MOO M . 14.48 -0.14 -1.98
O4 MOO M . 13.85 1.45 -4.19
MO MOO N . 16.57 -9.19 -11.73
O1 MOO N . 15.00 -9.55 -11.00
O2 MOO N . 17.64 -10.55 -11.37
O3 MOO N . 17.25 -7.69 -11.12
O4 MOO N . 16.36 -9.08 -13.47
MO MOO O . 25.32 -4.65 -1.05
O1 MOO O . 25.58 -6.37 -0.90
O2 MOO O . 24.79 -4.01 0.51
O3 MOO O . 24.08 -4.38 -2.29
O4 MOO O . 26.83 -3.85 -1.48
MO MOO P . 22.09 4.13 -12.29
O1 MOO P . 20.78 5.31 -12.23
O2 MOO P . 22.18 3.49 -13.93
O3 MOO P . 21.78 2.85 -11.12
O4 MOO P . 23.59 4.95 -11.89
#